data_4ASG
#
_entry.id   4ASG
#
_cell.length_a   74.126
_cell.length_b   74.126
_cell.length_c   110.177
_cell.angle_alpha   90.00
_cell.angle_beta   90.00
_cell.angle_gamma   90.00
#
_symmetry.space_group_name_H-M   'P 43 2 2'
#
loop_
_entity.id
_entity.type
_entity.pdbx_description
1 polymer 'ATP-DEPENDENT MOLECULAR CHAPERONE HSP82'
2 non-polymer '[(3R,5S,6R,7R,11S,12Z,14E)-5,11,21-trimethoxy-3,7,9,15-tetramethyl-6-oxidanyl-16,20,22-tris(oxidanylidene)-19-phenyl-17-azabicyclo[16.3.1]docosa-1(21),8,12,14,18-pentaen-10-yl] carbamate'
3 non-polymer 'NICKEL (II) ION'
4 water water
#
_entity_poly.entity_id   1
_entity_poly.type   'polypeptide(L)'
_entity_poly.pdbx_seq_one_letter_code
;MASETFEFQAEITQLMSLIINTVYSNKEIFLRELISNASDALDKIRYKSLSDPKQLETEPDLFIRITPKPEQKVLEIRDS
GIGMTKAELINNLGTIAKSGTKAFMEALSAGADVSMIGQFGVGFYSLFLVADRVQVISKSNDDEQYIWESNAGGSFTVTL
DEVNERIGRGTILRLFLKDDQLEYLEEKRIKEVIKRHSEFVAYPIQLVVTKEVEKEVPIP
;
_entity_poly.pdbx_strand_id   A
#
loop_
_chem_comp.id
_chem_comp.type
_chem_comp.name
_chem_comp.formula
814 non-polymer '[(3R,5S,6R,7R,11S,12Z,14E)-5,11,21-trimethoxy-3,7,9,15-tetramethyl-6-oxidanyl-16,20,22-tris(oxidanylidene)-19-phenyl-17-azabicyclo[16.3.1]docosa-1(21),8,12,14,18-pentaen-10-yl] carbamate' 'C35 H44 N2 O9'
NI non-polymer 'NICKEL (II) ION' 'Ni 2'
#
# COMPACT_ATOMS: atom_id res chain seq x y z
N ALA A 2 3.42 -11.97 -19.84
CA ALA A 2 4.78 -12.15 -19.22
C ALA A 2 4.61 -12.06 -17.68
N SER A 3 3.86 -13.04 -17.16
CA SER A 3 3.26 -13.07 -15.81
C SER A 3 3.60 -14.25 -14.84
N GLU A 4 4.56 -14.09 -13.92
CA GLU A 4 4.95 -15.13 -12.88
C GLU A 4 4.15 -15.20 -11.55
N THR A 5 3.95 -16.44 -11.05
CA THR A 5 3.18 -16.72 -9.80
C THR A 5 4.19 -17.18 -8.74
N PHE A 6 4.05 -16.68 -7.50
CA PHE A 6 4.94 -16.98 -6.34
C PHE A 6 4.11 -17.36 -5.14
N GLU A 7 4.60 -18.29 -4.33
CA GLU A 7 3.85 -18.73 -3.15
C GLU A 7 4.21 -17.78 -2.02
N PHE A 8 3.26 -17.45 -1.17
CA PHE A 8 3.57 -16.62 0.01
C PHE A 8 4.27 -17.48 1.05
N GLN A 9 5.29 -16.94 1.75
CA GLN A 9 5.82 -17.57 2.95
C GLN A 9 4.64 -17.91 3.88
N ALA A 10 4.73 -19.05 4.59
CA ALA A 10 3.53 -19.63 5.26
C ALA A 10 2.93 -18.75 6.41
N GLU A 11 3.79 -18.07 7.19
CA GLU A 11 3.33 -17.16 8.23
C GLU A 11 2.62 -15.94 7.60
N ILE A 12 3.05 -15.52 6.38
CA ILE A 12 2.43 -14.36 5.72
C ILE A 12 1.04 -14.72 5.30
N THR A 13 0.88 -15.94 4.76
CA THR A 13 -0.43 -16.45 4.40
C THR A 13 -1.36 -16.49 5.66
N GLN A 14 -0.84 -17.02 6.77
CA GLN A 14 -1.52 -17.04 8.10
C GLN A 14 -1.85 -15.60 8.58
N LEU A 15 -0.82 -14.72 8.59
CA LEU A 15 -1.08 -13.32 8.88
C LEU A 15 -2.30 -12.79 8.09
N MET A 16 -2.31 -12.97 6.77
CA MET A 16 -3.37 -12.40 5.94
C MET A 16 -4.72 -12.98 6.31
N SER A 17 -4.78 -14.30 6.53
CA SER A 17 -6.03 -14.92 6.98
C SER A 17 -6.52 -14.36 8.30
N LEU A 18 -5.59 -14.22 9.24
CA LEU A 18 -5.87 -13.71 10.58
C LEU A 18 -6.42 -12.28 10.52
N ILE A 19 -6.05 -11.51 9.48
CA ILE A 19 -6.47 -10.10 9.29
C ILE A 19 -7.86 -10.05 8.67
N ILE A 20 -8.02 -10.71 7.53
CA ILE A 20 -9.34 -10.81 6.87
C ILE A 20 -10.40 -11.42 7.79
N ASN A 21 -10.08 -12.52 8.46
CA ASN A 21 -11.09 -13.32 9.17
C ASN A 21 -11.24 -13.09 10.68
N THR A 22 -10.19 -12.75 11.41
CA THR A 22 -10.41 -12.50 12.86
C THR A 22 -10.56 -11.01 13.33
N VAL A 23 -10.34 -10.01 12.45
CA VAL A 23 -10.34 -8.60 12.90
C VAL A 23 -11.62 -7.84 12.52
N TYR A 24 -12.19 -7.15 13.50
CA TYR A 24 -13.53 -6.60 13.32
C TYR A 24 -13.46 -5.12 13.36
N SER A 25 -12.60 -4.56 14.17
CA SER A 25 -12.73 -3.14 14.22
C SER A 25 -11.42 -2.33 14.19
N ASN A 26 -11.66 -1.01 14.14
CA ASN A 26 -10.64 -0.04 13.90
C ASN A 26 -10.05 -0.27 12.47
N LYS A 27 -10.89 -0.53 11.47
CA LYS A 27 -10.38 -0.79 10.10
C LYS A 27 -9.66 0.40 9.43
N GLU A 28 -10.03 1.62 9.84
CA GLU A 28 -9.60 2.80 9.13
C GLU A 28 -8.08 2.93 9.26
N ILE A 29 -7.48 2.13 10.13
CA ILE A 29 -6.03 2.22 10.35
C ILE A 29 -5.25 1.81 9.09
N PHE A 30 -5.88 1.02 8.23
CA PHE A 30 -5.25 0.67 6.93
C PHE A 30 -4.72 1.97 6.22
N LEU A 31 -5.41 3.10 6.37
CA LEU A 31 -5.06 4.32 5.63
C LEU A 31 -3.88 4.99 6.24
N ARG A 32 -3.80 4.99 7.58
CA ARG A 32 -2.61 5.49 8.25
C ARG A 32 -1.39 4.69 7.83
N GLU A 33 -1.55 3.36 7.77
CA GLU A 33 -0.39 2.46 7.44
C GLU A 33 0.11 2.72 6.03
N LEU A 34 -0.82 2.79 5.07
CA LEU A 34 -0.44 3.08 3.67
C LEU A 34 0.09 4.48 3.45
N ILE A 35 -0.42 5.47 4.20
CA ILE A 35 0.20 6.79 4.19
C ILE A 35 1.60 6.77 4.81
N SER A 36 1.77 6.03 5.90
CA SER A 36 3.11 5.86 6.52
CA SER A 36 3.09 5.82 6.54
C SER A 36 4.11 5.20 5.57
N ASN A 37 3.69 4.17 4.83
CA ASN A 37 4.52 3.48 3.84
C ASN A 37 4.92 4.43 2.71
N ALA A 38 3.95 5.23 2.25
CA ALA A 38 4.16 6.21 1.16
C ALA A 38 5.18 7.19 1.68
N SER A 39 4.97 7.66 2.91
CA SER A 39 5.92 8.61 3.54
C SER A 39 7.33 7.97 3.71
N ASP A 40 7.43 6.70 4.06
CA ASP A 40 8.73 6.05 4.18
C ASP A 40 9.45 6.03 2.80
N ALA A 41 8.71 5.64 1.75
CA ALA A 41 9.21 5.64 0.33
C ALA A 41 9.63 7.02 -0.13
N LEU A 42 8.84 8.05 0.24
CA LEU A 42 9.24 9.40 -0.09
C LEU A 42 10.55 9.83 0.64
N ASP A 43 10.68 9.50 1.94
CA ASP A 43 11.90 9.79 2.74
C ASP A 43 13.11 9.14 2.07
N LYS A 44 12.93 7.92 1.60
CA LYS A 44 14.07 7.18 1.02
C LYS A 44 14.55 7.78 -0.30
N ILE A 45 13.65 8.15 -1.23
CA ILE A 45 14.13 8.80 -2.47
C ILE A 45 14.74 10.18 -2.19
N ARG A 46 14.13 10.95 -1.29
CA ARG A 46 14.67 12.21 -0.92
C ARG A 46 16.09 12.05 -0.30
N TYR A 47 16.27 11.13 0.66
CA TYR A 47 17.60 10.85 1.24
C TYR A 47 18.60 10.37 0.20
N LYS A 48 18.21 9.42 -0.63
CA LYS A 48 19.02 8.97 -1.75
C LYS A 48 19.50 10.12 -2.64
N SER A 49 18.65 11.12 -2.82
CA SER A 49 18.92 12.21 -3.77
C SER A 49 19.89 13.25 -3.23
N LEU A 50 20.16 13.22 -1.92
CA LEU A 50 21.11 14.15 -1.30
C LEU A 50 22.51 14.01 -1.94
N SER A 51 22.89 12.76 -2.27
CA SER A 51 24.21 12.43 -2.84
C SER A 51 24.10 11.95 -4.28
N ASP A 52 22.88 11.86 -4.79
CA ASP A 52 22.59 11.52 -6.18
C ASP A 52 21.35 12.32 -6.67
N PRO A 53 21.51 13.66 -6.90
CA PRO A 53 20.34 14.51 -7.24
C PRO A 53 19.57 14.00 -8.46
N LYS A 54 20.23 13.28 -9.35
CA LYS A 54 19.57 12.91 -10.62
C LYS A 54 18.43 11.88 -10.43
N GLN A 55 18.41 11.21 -9.27
CA GLN A 55 17.38 10.24 -8.94
C GLN A 55 15.99 10.86 -8.98
N LEU A 56 15.93 12.15 -8.61
CA LEU A 56 14.69 12.92 -8.55
C LEU A 56 14.12 13.29 -9.90
N GLU A 57 14.95 13.25 -10.94
CA GLU A 57 14.60 13.71 -12.31
C GLU A 57 13.44 12.97 -12.97
N THR A 58 13.33 11.67 -12.71
CA THR A 58 12.16 10.85 -13.16
C THR A 58 10.78 11.37 -12.64
N GLU A 59 10.81 12.21 -11.60
CA GLU A 59 9.56 12.72 -11.00
C GLU A 59 9.97 13.68 -9.92
N PRO A 60 10.10 14.98 -10.27
CA PRO A 60 10.70 15.93 -9.33
C PRO A 60 9.81 16.24 -8.14
N ASP A 61 8.47 16.05 -8.28
CA ASP A 61 7.50 16.40 -7.22
C ASP A 61 7.33 15.23 -6.25
N LEU A 62 7.39 15.56 -4.96
CA LEU A 62 7.24 14.55 -3.88
C LEU A 62 5.88 14.68 -3.23
N PHE A 63 4.99 13.68 -3.45
CA PHE A 63 3.59 13.84 -2.99
C PHE A 63 2.96 12.47 -2.71
N ILE A 64 1.83 12.51 -2.02
CA ILE A 64 0.96 11.37 -1.84
C ILE A 64 -0.35 11.82 -2.47
N ARG A 65 -0.99 10.93 -3.19
CA ARG A 65 -2.26 11.25 -3.80
C ARG A 65 -3.25 10.08 -3.71
N ILE A 66 -4.46 10.38 -3.29
CA ILE A 66 -5.49 9.38 -3.02
C ILE A 66 -6.59 9.63 -4.04
N THR A 67 -6.89 8.58 -4.79
CA THR A 67 -7.92 8.60 -5.88
C THR A 67 -8.99 7.52 -5.66
N PRO A 68 -10.14 7.94 -5.08
CA PRO A 68 -11.33 7.06 -5.01
C PRO A 68 -11.86 6.83 -6.43
N LYS A 69 -12.15 5.56 -6.79
CA LYS A 69 -12.71 5.20 -8.10
C LYS A 69 -14.00 4.43 -7.85
N PRO A 70 -15.10 5.15 -7.48
CA PRO A 70 -16.35 4.57 -6.96
C PRO A 70 -17.03 3.55 -7.91
N GLU A 71 -17.07 3.83 -9.21
CA GLU A 71 -17.73 2.90 -10.14
C GLU A 71 -16.94 1.61 -10.23
N GLN A 72 -15.62 1.67 -9.97
CA GLN A 72 -14.83 0.45 -9.93
C GLN A 72 -14.71 -0.14 -8.51
N LYS A 73 -15.22 0.59 -7.51
CA LYS A 73 -15.06 0.17 -6.08
C LYS A 73 -13.56 0.00 -5.74
N VAL A 74 -12.73 0.95 -6.17
CA VAL A 74 -11.30 0.84 -6.03
C VAL A 74 -10.86 2.11 -5.31
N LEU A 75 -9.91 2.01 -4.38
CA LEU A 75 -9.26 3.21 -3.88
C LEU A 75 -7.77 3.08 -4.22
N GLU A 76 -7.18 4.12 -4.81
CA GLU A 76 -5.75 4.12 -5.09
C GLU A 76 -5.01 5.09 -4.24
N ILE A 77 -3.85 4.65 -3.75
CA ILE A 77 -2.99 5.49 -2.93
C ILE A 77 -1.67 5.47 -3.66
N ARG A 78 -1.33 6.61 -4.19
CA ARG A 78 -0.11 6.81 -4.92
C ARG A 78 0.95 7.70 -4.24
N ASP A 79 2.23 7.31 -4.37
CA ASP A 79 3.28 8.18 -3.90
C ASP A 79 4.29 8.30 -5.01
N SER A 80 5.05 9.39 -4.99
CA SER A 80 6.23 9.44 -5.89
C SER A 80 7.52 9.10 -5.09
N GLY A 81 7.46 8.09 -4.21
CA GLY A 81 8.68 7.69 -3.46
C GLY A 81 9.66 6.87 -4.32
N ILE A 82 10.51 6.10 -3.67
CA ILE A 82 11.58 5.36 -4.32
C ILE A 82 11.08 4.23 -5.25
N GLY A 83 9.91 3.66 -4.99
CA GLY A 83 9.41 2.57 -5.85
C GLY A 83 10.15 1.27 -5.53
N MET A 84 9.72 0.17 -6.10
CA MET A 84 10.28 -1.11 -5.83
C MET A 84 10.56 -1.83 -7.16
N THR A 85 11.73 -2.47 -7.26
CA THR A 85 12.06 -3.25 -8.47
C THR A 85 11.27 -4.55 -8.44
N LYS A 86 11.23 -5.27 -9.55
CA LYS A 86 10.69 -6.61 -9.56
C LYS A 86 11.18 -7.55 -8.46
N ALA A 87 12.52 -7.66 -8.30
CA ALA A 87 13.06 -8.53 -7.24
C ALA A 87 12.63 -8.01 -5.84
N GLU A 88 12.57 -6.67 -5.66
CA GLU A 88 12.01 -6.09 -4.40
C GLU A 88 10.53 -6.46 -4.18
N LEU A 89 9.66 -6.38 -5.20
CA LEU A 89 8.29 -6.84 -4.95
C LEU A 89 8.28 -8.30 -4.48
N ILE A 90 9.11 -9.14 -5.12
CA ILE A 90 9.10 -10.61 -4.85
C ILE A 90 9.62 -10.94 -3.45
N ASN A 91 10.72 -10.31 -3.07
CA ASN A 91 11.42 -10.64 -1.84
C ASN A 91 10.67 -10.06 -0.62
N ASN A 92 10.28 -8.78 -0.73
CA ASN A 92 9.71 -8.00 0.39
C ASN A 92 8.19 -8.07 0.56
N LEU A 93 7.48 -8.45 -0.51
CA LEU A 93 6.01 -8.57 -0.47
C LEU A 93 5.55 -10.03 -0.50
N GLY A 94 6.25 -10.90 0.23
CA GLY A 94 5.64 -12.20 0.45
C GLY A 94 6.43 -13.51 0.40
N THR A 95 7.53 -13.55 -0.36
CA THR A 95 8.27 -14.84 -0.43
C THR A 95 9.21 -15.10 0.78
N ILE A 96 9.77 -14.04 1.37
CA ILE A 96 10.75 -14.18 2.42
C ILE A 96 10.10 -13.89 3.81
N ALA A 97 10.49 -14.67 4.83
CA ALA A 97 10.06 -14.51 6.23
C ALA A 97 10.19 -13.06 6.71
N LYS A 98 9.12 -12.45 7.22
CA LYS A 98 9.29 -11.10 7.71
C LYS A 98 9.51 -11.15 9.21
N SER A 99 10.57 -10.55 9.71
CA SER A 99 10.55 -10.28 11.12
C SER A 99 9.26 -9.44 11.41
N GLY A 100 8.59 -9.86 12.48
CA GLY A 100 7.36 -9.22 12.91
C GLY A 100 6.15 -10.08 12.70
N THR A 101 6.18 -10.94 11.67
CA THR A 101 4.97 -11.62 11.24
C THR A 101 4.39 -12.47 12.34
N LYS A 102 5.23 -13.40 12.86
CA LYS A 102 4.77 -14.38 13.88
C LYS A 102 4.52 -13.60 15.20
N ALA A 103 5.48 -12.75 15.56
CA ALA A 103 5.41 -11.90 16.75
C ALA A 103 4.10 -11.07 16.79
N PHE A 104 3.73 -10.48 15.62
CA PHE A 104 2.52 -9.69 15.55
C PHE A 104 1.31 -10.59 15.75
N MET A 105 1.31 -11.75 15.10
CA MET A 105 0.20 -12.68 15.25
C MET A 105 0.04 -13.15 16.71
N GLU A 106 1.14 -13.40 17.41
CA GLU A 106 1.08 -13.71 18.86
C GLU A 106 0.59 -12.52 19.69
N ALA A 107 1.05 -11.29 19.38
CA ALA A 107 0.54 -10.14 20.10
C ALA A 107 -0.97 -10.00 19.89
N LEU A 108 -1.44 -10.20 18.66
CA LEU A 108 -2.88 -10.16 18.33
C LEU A 108 -3.67 -11.19 19.09
N SER A 109 -3.21 -12.44 19.08
CA SER A 109 -3.76 -13.53 19.92
C SER A 109 -3.91 -13.21 21.39
N ALA A 110 -2.94 -12.50 21.94
CA ALA A 110 -2.96 -12.13 23.35
C ALA A 110 -3.90 -10.94 23.63
N GLY A 111 -4.49 -10.31 22.60
CA GLY A 111 -5.37 -9.11 22.77
C GLY A 111 -4.88 -7.77 22.18
N ALA A 112 -3.63 -7.71 21.63
CA ALA A 112 -3.12 -6.47 20.99
C ALA A 112 -4.14 -5.87 20.02
N ASP A 113 -4.28 -4.54 20.03
CA ASP A 113 -5.11 -3.87 19.06
C ASP A 113 -4.52 -4.11 17.65
N VAL A 114 -5.35 -4.43 16.65
CA VAL A 114 -4.81 -4.46 15.25
C VAL A 114 -3.89 -3.23 14.90
N SER A 115 -4.19 -2.04 15.44
CA SER A 115 -3.36 -0.86 15.08
C SER A 115 -1.90 -0.97 15.37
N MET A 116 -1.51 -1.95 16.23
CA MET A 116 -0.10 -2.10 16.53
C MET A 116 0.64 -2.67 15.32
N ILE A 117 -0.09 -3.08 14.27
CA ILE A 117 0.54 -3.83 13.12
C ILE A 117 1.77 -3.08 12.49
N GLY A 118 1.74 -1.75 12.52
CA GLY A 118 2.76 -0.92 11.84
C GLY A 118 4.00 -0.94 12.65
N GLN A 119 3.84 -1.01 13.98
CA GLN A 119 4.99 -1.20 14.88
C GLN A 119 5.70 -2.55 14.78
N PHE A 120 5.04 -3.54 14.18
CA PHE A 120 5.69 -4.82 13.92
C PHE A 120 6.27 -4.89 12.52
N GLY A 121 6.23 -3.79 11.79
CA GLY A 121 6.83 -3.77 10.46
C GLY A 121 6.06 -4.57 9.43
N VAL A 122 4.75 -4.85 9.64
CA VAL A 122 3.93 -5.61 8.65
C VAL A 122 2.64 -4.86 8.35
N GLY A 123 2.65 -3.56 8.62
CA GLY A 123 1.46 -2.75 8.45
C GLY A 123 0.95 -2.71 7.02
N PHE A 124 1.80 -2.99 6.02
CA PHE A 124 1.29 -3.26 4.62
C PHE A 124 0.08 -4.17 4.60
N TYR A 125 0.08 -5.24 5.41
CA TYR A 125 -1.00 -6.29 5.28
C TYR A 125 -2.35 -5.87 5.89
N SER A 126 -2.39 -4.73 6.60
CA SER A 126 -3.67 -4.10 7.08
C SER A 126 -4.57 -3.73 5.93
N LEU A 127 -4.04 -3.62 4.70
CA LEU A 127 -4.91 -3.27 3.56
C LEU A 127 -6.02 -4.34 3.40
N PHE A 128 -5.74 -5.61 3.81
CA PHE A 128 -6.75 -6.70 3.79
C PHE A 128 -7.95 -6.59 4.76
N LEU A 129 -7.88 -5.68 5.73
CA LEU A 129 -9.07 -5.27 6.49
C LEU A 129 -10.17 -4.72 5.58
N VAL A 130 -9.82 -3.97 4.51
CA VAL A 130 -10.88 -3.29 3.70
C VAL A 130 -10.95 -3.77 2.26
N ALA A 131 -9.96 -4.58 1.82
CA ALA A 131 -9.81 -4.92 0.39
C ALA A 131 -9.72 -6.44 0.26
N ASP A 132 -10.39 -7.02 -0.73
CA ASP A 132 -10.22 -8.46 -0.95
C ASP A 132 -9.25 -8.80 -2.08
N ARG A 133 -8.76 -7.73 -2.75
CA ARG A 133 -7.79 -7.84 -3.86
C ARG A 133 -6.98 -6.53 -3.78
N VAL A 134 -5.69 -6.61 -4.11
CA VAL A 134 -4.79 -5.46 -4.21
C VAL A 134 -3.77 -5.66 -5.34
N GLN A 135 -3.47 -4.59 -6.04
CA GLN A 135 -2.37 -4.48 -6.96
C GLN A 135 -1.40 -3.42 -6.42
N VAL A 136 -0.10 -3.74 -6.42
CA VAL A 136 0.93 -2.78 -6.00
C VAL A 136 1.62 -2.58 -7.37
N ILE A 137 1.52 -1.36 -7.89
CA ILE A 137 2.03 -1.02 -9.21
C ILE A 137 3.19 -0.12 -8.92
N SER A 138 4.38 -0.55 -9.30
CA SER A 138 5.47 0.21 -8.85
C SER A 138 6.53 0.41 -9.90
N LYS A 139 7.21 1.56 -9.79
CA LYS A 139 8.26 1.96 -10.70
C LYS A 139 9.45 2.54 -9.94
N SER A 140 10.47 1.71 -9.77
CA SER A 140 11.79 2.14 -9.27
C SER A 140 12.62 2.71 -10.43
N ASN A 141 13.46 3.68 -10.14
CA ASN A 141 14.41 4.17 -11.13
C ASN A 141 15.29 3.05 -11.68
N ASP A 142 15.43 1.93 -10.97
CA ASP A 142 16.35 0.88 -11.39
C ASP A 142 15.66 -0.27 -12.08
N ASP A 143 14.38 -0.12 -12.43
CA ASP A 143 13.68 -1.22 -13.10
C ASP A 143 12.53 -0.64 -13.91
N GLU A 144 11.89 -1.53 -14.67
CA GLU A 144 10.67 -1.30 -15.44
C GLU A 144 9.48 -1.21 -14.44
N GLN A 145 8.32 -0.77 -14.90
CA GLN A 145 7.10 -0.77 -14.07
C GLN A 145 6.60 -2.19 -13.99
N TYR A 146 6.30 -2.65 -12.77
CA TYR A 146 5.68 -3.97 -12.51
C TYR A 146 4.43 -3.87 -11.63
N ILE A 147 3.60 -4.90 -11.74
CA ILE A 147 2.34 -5.04 -11.04
C ILE A 147 2.44 -6.31 -10.18
N TRP A 148 2.26 -6.13 -8.87
CA TRP A 148 2.14 -7.24 -7.98
C TRP A 148 0.70 -7.31 -7.59
N GLU A 149 0.18 -8.52 -7.49
CA GLU A 149 -1.20 -8.68 -7.26
C GLU A 149 -1.43 -9.91 -6.39
N SER A 150 -2.45 -9.78 -5.53
CA SER A 150 -2.82 -10.79 -4.59
C SER A 150 -4.25 -10.59 -4.19
N ASN A 151 -4.99 -11.70 -4.10
CA ASN A 151 -6.31 -11.75 -3.45
C ASN A 151 -6.27 -12.44 -2.06
N ALA A 152 -5.11 -12.40 -1.41
CA ALA A 152 -4.93 -12.98 -0.06
C ALA A 152 -4.92 -14.53 -0.02
N GLY A 153 -4.86 -15.20 -1.18
CA GLY A 153 -4.69 -16.65 -1.25
C GLY A 153 -3.31 -17.09 -0.76
N GLY A 154 -2.87 -18.25 -1.22
CA GLY A 154 -1.51 -18.65 -0.98
C GLY A 154 -0.46 -18.07 -1.93
N SER A 155 -0.90 -17.45 -3.03
CA SER A 155 0.10 -16.88 -3.98
C SER A 155 -0.25 -15.49 -4.55
N PHE A 156 0.77 -14.83 -5.10
CA PHE A 156 0.66 -13.54 -5.71
C PHE A 156 1.31 -13.63 -7.07
N THR A 157 1.01 -12.70 -7.96
CA THR A 157 1.63 -12.69 -9.25
C THR A 157 2.38 -11.40 -9.37
N VAL A 158 3.45 -11.45 -10.15
CA VAL A 158 4.22 -10.29 -10.54
C VAL A 158 4.27 -10.25 -12.10
N THR A 159 3.95 -9.10 -12.68
CA THR A 159 3.76 -8.94 -14.13
C THR A 159 4.35 -7.63 -14.65
N LEU A 160 5.09 -7.68 -15.76
CA LEU A 160 5.64 -6.50 -16.38
C LEU A 160 4.44 -5.58 -16.73
N ASP A 161 4.49 -4.30 -16.37
CA ASP A 161 3.28 -3.46 -16.51
C ASP A 161 3.16 -2.83 -17.90
N GLU A 162 2.23 -3.36 -18.70
CA GLU A 162 1.91 -2.75 -19.99
C GLU A 162 0.47 -2.27 -20.09
N VAL A 163 -0.17 -2.14 -18.93
CA VAL A 163 -1.60 -1.85 -18.91
C VAL A 163 -1.94 -0.54 -18.15
N ASN A 164 -1.04 -0.02 -17.28
CA ASN A 164 -1.44 1.08 -16.42
C ASN A 164 -0.75 2.29 -16.89
N GLU A 165 -1.17 3.44 -16.39
CA GLU A 165 -0.48 4.71 -16.71
C GLU A 165 0.93 4.57 -16.24
N ARG A 166 1.84 5.24 -16.94
CA ARG A 166 3.26 5.34 -16.57
C ARG A 166 3.37 6.18 -15.36
N ILE A 167 3.99 5.63 -14.35
CA ILE A 167 4.32 6.50 -13.29
C ILE A 167 5.80 6.79 -13.58
N GLY A 168 6.18 8.00 -13.31
CA GLY A 168 7.56 8.41 -13.54
C GLY A 168 8.41 7.63 -12.58
N ARG A 169 7.98 7.64 -11.29
CA ARG A 169 8.71 6.94 -10.19
C ARG A 169 7.75 6.85 -8.99
N GLY A 170 7.69 5.66 -8.38
CA GLY A 170 6.98 5.45 -7.13
C GLY A 170 6.01 4.30 -7.19
N THR A 171 4.89 4.41 -6.47
CA THR A 171 4.01 3.24 -6.27
C THR A 171 2.56 3.66 -6.23
N ILE A 172 1.71 2.83 -6.85
CA ILE A 172 0.25 2.92 -6.66
C ILE A 172 -0.23 1.65 -5.93
N LEU A 173 -0.87 1.86 -4.77
CA LEU A 173 -1.66 0.86 -4.08
C LEU A 173 -3.08 0.96 -4.60
N ARG A 174 -3.48 -0.07 -5.33
CA ARG A 174 -4.79 -0.17 -5.90
C ARG A 174 -5.56 -1.22 -5.16
N LEU A 175 -6.46 -0.71 -4.32
CA LEU A 175 -7.32 -1.52 -3.46
C LEU A 175 -8.73 -1.75 -4.04
N PHE A 176 -9.05 -3.02 -4.23
CA PHE A 176 -10.38 -3.46 -4.62
C PHE A 176 -11.13 -3.69 -3.30
N LEU A 177 -11.85 -2.65 -2.86
CA LEU A 177 -12.55 -2.64 -1.58
C LEU A 177 -13.66 -3.71 -1.52
N LYS A 178 -13.84 -4.27 -0.31
CA LYS A 178 -14.99 -5.12 0.00
C LYS A 178 -16.30 -4.32 -0.09
N ASP A 179 -17.43 -4.99 -0.35
CA ASP A 179 -18.75 -4.25 -0.45
C ASP A 179 -19.20 -3.61 0.86
N ASP A 180 -18.82 -4.17 1.99
CA ASP A 180 -19.10 -3.51 3.27
C ASP A 180 -18.18 -2.33 3.62
N GLN A 181 -17.12 -2.11 2.83
CA GLN A 181 -16.16 -1.06 3.21
C GLN A 181 -16.10 0.10 2.21
N LEU A 182 -17.22 0.39 1.56
CA LEU A 182 -17.25 1.40 0.46
C LEU A 182 -17.30 2.83 1.02
N GLU A 183 -17.40 2.95 2.34
CA GLU A 183 -17.27 4.29 2.89
C GLU A 183 -15.87 4.96 2.57
N TYR A 184 -14.84 4.13 2.32
CA TYR A 184 -13.50 4.69 2.01
C TYR A 184 -13.39 5.22 0.54
N LEU A 185 -14.50 5.14 -0.22
CA LEU A 185 -14.67 5.87 -1.50
C LEU A 185 -15.11 7.34 -1.27
N GLU A 186 -15.55 7.69 -0.05
CA GLU A 186 -16.16 9.03 0.22
C GLU A 186 -15.14 10.07 0.58
N GLU A 187 -15.26 11.24 -0.06
CA GLU A 187 -14.35 12.33 0.20
C GLU A 187 -14.29 12.72 1.69
N LYS A 188 -15.46 12.84 2.33
CA LYS A 188 -15.47 13.33 3.70
C LYS A 188 -14.85 12.34 4.64
N ARG A 189 -15.11 11.04 4.41
CA ARG A 189 -14.61 9.96 5.27
C ARG A 189 -13.06 9.90 5.13
N ILE A 190 -12.60 10.03 3.89
CA ILE A 190 -11.15 10.02 3.64
C ILE A 190 -10.43 11.16 4.38
N LYS A 191 -10.96 12.37 4.25
CA LYS A 191 -10.38 13.56 4.90
C LYS A 191 -10.32 13.45 6.40
N GLU A 192 -11.41 13.00 7.01
CA GLU A 192 -11.52 12.71 8.47
C GLU A 192 -10.43 11.77 9.00
N VAL A 193 -10.29 10.59 8.37
CA VAL A 193 -9.31 9.59 8.76
C VAL A 193 -7.90 10.16 8.61
N ILE A 194 -7.61 10.86 7.50
CA ILE A 194 -6.31 11.55 7.33
C ILE A 194 -6.10 12.61 8.41
N LYS A 195 -7.09 13.49 8.63
CA LYS A 195 -6.91 14.59 9.61
C LYS A 195 -6.75 14.03 11.05
N ARG A 196 -7.52 12.99 11.38
CA ARG A 196 -7.43 12.41 12.72
C ARG A 196 -6.20 11.55 12.94
N HIS A 197 -5.75 10.81 11.93
CA HIS A 197 -4.70 9.79 12.15
C HIS A 197 -3.39 9.94 11.42
N SER A 198 -3.33 10.82 10.42
CA SER A 198 -2.12 11.05 9.61
C SER A 198 -1.75 12.53 9.68
N GLU A 199 -1.65 13.03 10.91
CA GLU A 199 -1.46 14.47 11.15
C GLU A 199 -0.11 15.08 10.85
N PHE A 200 0.95 14.30 11.03
CA PHE A 200 2.30 14.80 10.87
C PHE A 200 2.95 14.09 9.70
N VAL A 201 2.68 14.58 8.51
CA VAL A 201 3.24 13.98 7.27
C VAL A 201 3.98 15.09 6.57
N ALA A 202 5.23 14.85 6.20
CA ALA A 202 6.05 15.94 5.64
C ALA A 202 5.72 16.23 4.17
N TYR A 203 4.87 15.41 3.56
CA TYR A 203 4.59 15.58 2.11
C TYR A 203 3.15 15.98 1.92
N PRO A 204 2.87 16.78 0.86
CA PRO A 204 1.46 17.05 0.54
C PRO A 204 0.67 15.77 0.26
N ILE A 205 -0.55 15.72 0.78
CA ILE A 205 -1.45 14.65 0.51
C ILE A 205 -2.60 15.25 -0.33
N GLN A 206 -2.71 14.77 -1.57
CA GLN A 206 -3.73 15.21 -2.52
C GLN A 206 -4.85 14.23 -2.61
N LEU A 207 -6.07 14.74 -2.76
CA LEU A 207 -7.23 13.93 -2.90
C LEU A 207 -7.83 14.33 -4.25
N VAL A 208 -8.08 13.33 -5.08
CA VAL A 208 -8.63 13.51 -6.43
C VAL A 208 -10.12 13.28 -6.37
N VAL A 209 -10.87 14.33 -6.69
CA VAL A 209 -12.32 14.33 -6.57
C VAL A 209 -12.93 14.53 -7.99
N THR A 210 -13.89 13.70 -8.35
CA THR A 210 -14.63 13.86 -9.59
C THR A 210 -15.97 14.48 -9.29
N LYS A 211 -16.24 15.64 -9.85
CA LYS A 211 -17.54 16.25 -9.75
C LYS A 211 -18.22 16.44 -11.13
N GLU A 212 -19.54 16.37 -11.18
CA GLU A 212 -20.29 16.63 -12.39
C GLU A 212 -20.43 18.15 -12.58
N VAL A 213 -20.27 18.62 -13.82
CA VAL A 213 -20.37 20.04 -14.10
C VAL A 213 -21.84 20.29 -14.46
N GLU A 214 -22.54 21.15 -13.72
CA GLU A 214 -23.92 21.48 -14.09
C GLU A 214 -24.30 22.85 -13.59
OAK 814 B . 8.30 -4.03 5.49
CBM 814 B . 8.72 -2.89 5.79
CBJ 814 B . 7.82 -1.98 6.41
NAY 814 B . 6.48 -2.41 6.70
CBG 814 B . 5.63 -3.20 5.87
OAJ 814 B . 4.48 -3.26 6.27
CBE 814 B . 5.89 -3.63 4.55
CAD 814 B . 5.84 -5.00 4.27
CAO 814 B . 5.79 -2.76 3.46
CAN 814 B . 6.17 -3.15 2.18
CAP 814 B . 6.16 -2.29 1.04
CBQ 814 B . 5.45 -1.09 1.14
OBA 814 B . 4.14 -1.05 0.49
CAB 814 B . 4.07 -1.31 -0.98
CBT 814 B . 6.10 0.32 0.95
OBC 814 B . 5.36 1.05 -0.06
CBD 814 B . 5.59 2.18 -0.75
OAI 814 B . 6.51 2.19 -1.60
NAH 814 B . 4.55 3.05 -0.83
CBF 814 B . 7.37 0.74 1.38
CAE 814 B . 7.38 1.17 2.73
CAQ 814 B . 8.53 0.22 0.84
CBP 814 B . 9.84 0.73 0.51
CAG 814 B . 10.33 2.14 0.73
CBR 814 B . 11.14 -0.24 0.64
OAM 814 B . 12.27 0.31 1.32
CBS 814 B . 10.94 -1.66 1.15
OBB 814 B . 12.02 -2.39 0.51
CAC 814 B . 11.98 -2.56 -0.93
CAX 814 B . 11.02 -1.74 2.68
CBO 814 B . 10.85 -3.20 3.14
CAF 814 B . 9.55 -3.74 2.53
CAW 814 B . 10.90 -3.43 4.73
CBI 814 B . 10.02 -2.51 5.43
CBK 814 B . 10.45 -1.22 5.84
OAZ 814 B . 11.75 -0.80 5.57
CAA 814 B . 12.65 -0.90 6.70
CBN 814 B . 9.59 -0.32 6.50
OAL 814 B . 10.01 0.81 6.82
CBL 814 B . 8.26 -0.69 6.78
CBH 814 B . 7.43 0.25 7.45
CAU 814 B . 6.86 1.32 6.74
CAS 814 B . 6.07 2.31 7.40
CAR 814 B . 5.83 2.23 8.78
CAT 814 B . 6.42 1.20 9.52
CAV 814 B . 7.21 0.20 8.86
NI NI C . -10.63 7.37 14.17
NI NI D . 5.15 -6.13 -25.60
NI NI E . -17.47 1.04 8.82
#